data_1HG2
#
_entry.id   1HG2
#
_cell.length_a   77.859
_cell.length_b   77.859
_cell.length_c   122.333
_cell.angle_alpha   90.00
_cell.angle_beta   90.00
_cell.angle_gamma   90.00
#
_symmetry.space_group_name_H-M   'P 41 21 2'
#
loop_
_entity.id
_entity.type
_entity.pdbx_description
1 polymer 'CLATHRIN ASSEMBLY PROTEIN SHORT FORM'
2 non-polymer D-MYO-INOSITOL-4,5-BISPHOSPHATE
3 water water
#
_entity_poly.entity_id   1
_entity_poly.type   'polypeptide(L)'
_entity_poly.pdbx_seq_one_letter_code
;MSGQSLTDRITAAQHSVTGSAVSKTVCKATTHEIMGPKKKHLDYLIQCTNEMNVNIPQLADSLFERTTNSSWVVVFKSLI
TTHHLMVYGNERFIQYLASRNTLFNLSNFLDKSGLQGYDMSTFIRRYSRYLNEKAVSYRQVAFDFTKVKRGADGVMRTMN
TEKLLKTVPIIQNQMDALLDFNVNSNELTNGVINAAFMLLFKDAIRLFAAYNEGIINLLEKYFDMKKNQCKEGLDIYKKF
LTRMTRISEFLKVAEQVGIDRGDIPDLSQAPSSLLDALEQHLASLEGKK
;
_entity_poly.pdbx_strand_id   A
#
loop_
_chem_comp.id
_chem_comp.type
_chem_comp.name
_chem_comp.formula
IP2 non-polymer D-MYO-INOSITOL-4,5-BISPHOSPHATE 'C6 H14 O12 P2'
#
# COMPACT_ATOMS: atom_id res chain seq x y z
N GLY A 19 -16.43 -8.07 20.78
CA GLY A 19 -17.46 -6.99 20.80
C GLY A 19 -17.01 -5.90 21.76
N SER A 20 -17.54 -5.88 22.98
CA SER A 20 -16.95 -5.02 23.99
C SER A 20 -15.42 -5.26 24.12
N ALA A 21 -14.96 -6.53 24.16
CA ALA A 21 -13.47 -6.76 24.27
C ALA A 21 -12.70 -6.25 23.00
N VAL A 22 -13.33 -6.41 21.85
CA VAL A 22 -12.83 -5.91 20.59
C VAL A 22 -12.89 -4.41 20.57
N SER A 23 -14.00 -3.85 21.02
CA SER A 23 -14.22 -2.40 20.97
C SER A 23 -13.25 -1.67 21.89
N LYS A 24 -13.02 -2.25 23.07
CA LYS A 24 -12.06 -1.71 24.03
C LYS A 24 -10.61 -1.76 23.48
N THR A 25 -10.27 -2.82 22.77
CA THR A 25 -8.91 -2.96 22.24
C THR A 25 -8.67 -1.91 21.14
N VAL A 26 -9.70 -1.63 20.37
CA VAL A 26 -9.64 -0.63 19.35
C VAL A 26 -9.30 0.70 19.96
N CYS A 27 -10.00 1.06 21.07
CA CYS A 27 -9.73 2.32 21.79
C CYS A 27 -8.32 2.35 22.32
N LYS A 28 -7.83 1.24 22.86
CA LYS A 28 -6.50 1.28 23.37
C LYS A 28 -5.43 1.39 22.30
N ALA A 29 -5.72 0.87 21.10
CA ALA A 29 -4.80 0.96 20.03
C ALA A 29 -4.75 2.42 19.51
N THR A 30 -5.77 3.20 19.77
CA THR A 30 -5.90 4.55 19.28
C THR A 30 -6.00 5.66 20.30
N THR A 31 -5.31 5.54 21.40
CA THR A 31 -5.25 6.65 22.34
C THR A 31 -4.54 7.86 21.80
N HIS A 32 -4.72 8.95 22.54
CA HIS A 32 -4.02 10.23 22.30
C HIS A 32 -2.50 10.20 22.50
N GLU A 33 -1.96 9.14 23.06
CA GLU A 33 -0.53 9.07 23.24
C GLU A 33 0.25 9.16 21.89
N ILE A 34 1.37 9.87 21.88
CA ILE A 34 2.16 10.10 20.62
C ILE A 34 3.21 9.03 20.36
N MET A 35 2.68 7.86 20.02
CA MET A 35 3.44 6.79 19.48
C MET A 35 2.48 5.97 18.69
N GLY A 36 3.00 5.07 17.85
CA GLY A 36 2.13 4.15 17.12
C GLY A 36 1.40 3.23 18.07
N PRO A 37 0.42 2.53 17.59
CA PRO A 37 -0.35 1.56 18.38
C PRO A 37 0.64 0.52 18.98
N LYS A 38 0.36 0.10 20.19
CA LYS A 38 1.22 -0.85 20.84
C LYS A 38 1.07 -2.24 20.26
N LYS A 39 2.17 -2.94 20.18
CA LYS A 39 2.19 -4.33 19.75
C LYS A 39 1.14 -5.23 20.49
N LYS A 40 1.01 -5.06 21.79
CA LYS A 40 0.12 -6.00 22.50
C LYS A 40 -1.33 -5.84 22.05
N HIS A 41 -1.77 -4.61 21.78
CA HIS A 41 -3.10 -4.37 21.24
C HIS A 41 -3.22 -4.88 19.78
N LEU A 42 -2.22 -4.56 18.96
CA LEU A 42 -2.22 -5.07 17.58
C LEU A 42 -2.25 -6.58 17.46
N ASP A 43 -1.49 -7.30 18.28
CA ASP A 43 -1.53 -8.78 18.21
C ASP A 43 -2.93 -9.36 18.58
N TYR A 44 -3.60 -8.75 19.56
CA TYR A 44 -4.97 -9.16 19.95
C TYR A 44 -5.90 -8.93 18.80
N LEU A 45 -5.78 -7.79 18.08
CA LEU A 45 -6.63 -7.55 16.89
C LEU A 45 -6.40 -8.53 15.75
N ILE A 46 -5.15 -8.91 15.52
CA ILE A 46 -4.80 -9.87 14.51
C ILE A 46 -5.49 -11.21 14.85
N GLN A 47 -5.49 -11.56 16.12
CA GLN A 47 -6.13 -12.83 16.54
C GLN A 47 -7.61 -12.70 16.29
N CYS A 48 -8.18 -11.53 16.54
CA CYS A 48 -9.59 -11.32 16.25
C CYS A 48 -9.92 -11.62 14.78
N THR A 49 -9.09 -11.22 13.86
CA THR A 49 -9.41 -11.45 12.48
C THR A 49 -9.30 -12.92 12.09
N ASN A 50 -8.53 -13.69 12.84
CA ASN A 50 -8.45 -15.13 12.56
C ASN A 50 -9.58 -16.01 13.20
N GLU A 51 -10.50 -15.46 14.00
CA GLU A 51 -11.59 -16.24 14.63
C GLU A 51 -12.86 -16.18 13.83
N MET A 52 -13.35 -17.33 13.47
CA MET A 52 -14.56 -17.46 12.67
C MET A 52 -15.81 -16.87 13.28
N ASN A 53 -15.82 -16.66 14.57
CA ASN A 53 -16.93 -16.09 15.25
C ASN A 53 -16.87 -14.61 15.49
N VAL A 54 -15.80 -13.95 15.11
CA VAL A 54 -15.74 -12.55 15.37
C VAL A 54 -16.46 -11.90 14.22
N ASN A 55 -17.17 -10.86 14.49
CA ASN A 55 -17.87 -10.15 13.43
C ASN A 55 -16.99 -9.09 12.81
N ILE A 56 -16.47 -9.32 11.61
CA ILE A 56 -15.56 -8.36 11.01
C ILE A 56 -16.10 -6.94 10.83
N PRO A 57 -17.33 -6.75 10.32
CA PRO A 57 -17.87 -5.42 10.10
C PRO A 57 -17.94 -4.55 11.33
N GLN A 58 -18.24 -5.13 12.47
CA GLN A 58 -18.26 -4.34 13.70
C GLN A 58 -16.84 -3.90 14.05
N LEU A 59 -15.87 -4.79 13.91
CA LEU A 59 -14.43 -4.41 14.11
C LEU A 59 -14.06 -3.22 13.21
N ALA A 60 -14.27 -3.34 11.94
CA ALA A 60 -14.00 -2.27 10.96
C ALA A 60 -14.69 -0.98 11.27
N ASP A 61 -16.00 -1.08 11.65
CA ASP A 61 -16.80 0.09 11.98
C ASP A 61 -16.18 0.85 13.13
N SER A 62 -15.71 0.14 14.13
CA SER A 62 -15.10 0.85 15.24
C SER A 62 -13.86 1.66 14.84
N LEU A 63 -13.13 1.21 13.79
CA LEU A 63 -11.90 1.84 13.35
C LEU A 63 -12.34 3.11 12.54
N PHE A 64 -13.37 2.95 11.71
CA PHE A 64 -13.91 4.11 10.94
C PHE A 64 -14.39 5.20 11.88
N GLU A 65 -15.04 4.83 12.97
CA GLU A 65 -15.51 5.81 13.98
C GLU A 65 -14.37 6.58 14.62
N ARG A 66 -13.26 5.91 14.91
CA ARG A 66 -12.14 6.63 15.45
C ARG A 66 -11.62 7.70 14.46
N THR A 67 -11.86 7.57 13.15
CA THR A 67 -11.34 8.52 12.19
C THR A 67 -12.22 9.74 11.99
N THR A 68 -13.32 9.81 12.76
CA THR A 68 -14.15 11.03 12.87
C THR A 68 -13.71 11.83 14.07
N ASN A 69 -12.68 11.42 14.79
CA ASN A 69 -12.20 12.20 15.93
C ASN A 69 -11.59 13.49 15.38
N SER A 70 -11.49 14.49 16.23
CA SER A 70 -10.95 15.76 15.79
C SER A 70 -9.42 15.81 15.93
N SER A 71 -8.85 14.98 16.78
CA SER A 71 -7.41 14.96 16.97
C SER A 71 -6.56 14.14 15.93
N TRP A 72 -5.54 14.80 15.37
CA TRP A 72 -4.64 14.09 14.42
C TRP A 72 -4.05 12.79 14.98
N VAL A 73 -3.77 12.70 16.27
CA VAL A 73 -3.11 11.54 16.82
C VAL A 73 -4.03 10.30 16.75
N VAL A 74 -5.26 10.48 17.17
CA VAL A 74 -6.28 9.42 17.15
C VAL A 74 -6.54 8.90 15.78
N VAL A 75 -6.74 9.80 14.82
CA VAL A 75 -7.05 9.53 13.45
C VAL A 75 -5.89 8.76 12.74
N PHE A 76 -4.66 9.27 12.91
CA PHE A 76 -3.48 8.71 12.27
C PHE A 76 -3.28 7.28 12.88
N LYS A 77 -3.47 7.12 14.19
CA LYS A 77 -3.35 5.78 14.78
C LYS A 77 -4.40 4.77 14.31
N SER A 78 -5.60 5.25 14.01
CA SER A 78 -6.66 4.39 13.50
C SER A 78 -6.29 3.94 12.08
N LEU A 79 -5.66 4.83 11.30
CA LEU A 79 -5.21 4.47 9.99
C LEU A 79 -4.09 3.42 10.04
N ILE A 80 -3.10 3.63 10.90
CA ILE A 80 -2.02 2.73 10.98
C ILE A 80 -2.53 1.26 11.43
N THR A 81 -3.42 1.19 12.44
CA THR A 81 -4.04 -0.03 12.87
C THR A 81 -4.70 -0.79 11.70
N THR A 82 -5.50 -0.08 10.90
CA THR A 82 -6.14 -0.61 9.74
C THR A 82 -5.10 -1.18 8.73
N HIS A 83 -4.02 -0.42 8.46
CA HIS A 83 -2.92 -0.86 7.58
C HIS A 83 -2.30 -2.18 8.11
N HIS A 84 -1.94 -2.23 9.41
CA HIS A 84 -1.25 -3.35 10.00
C HIS A 84 -2.16 -4.59 9.88
N LEU A 85 -3.47 -4.41 10.10
CA LEU A 85 -4.47 -5.52 9.90
C LEU A 85 -4.61 -5.99 8.44
N MET A 86 -4.47 -5.10 7.46
CA MET A 86 -4.51 -5.48 6.09
C MET A 86 -3.29 -6.29 5.80
N VAL A 87 -2.17 -6.00 6.48
CA VAL A 87 -0.88 -6.68 6.19
C VAL A 87 -0.71 -8.05 6.95
N TYR A 88 -1.10 -8.13 8.23
CA TYR A 88 -0.80 -9.23 9.07
C TYR A 88 -2.07 -9.99 9.48
N GLY A 89 -3.24 -9.42 9.22
CA GLY A 89 -4.51 -10.05 9.56
C GLY A 89 -4.90 -11.06 8.52
N ASN A 90 -5.88 -11.83 8.87
CA ASN A 90 -6.52 -12.81 7.95
C ASN A 90 -7.11 -12.05 6.80
N GLU A 91 -7.03 -12.64 5.61
CA GLU A 91 -7.56 -12.11 4.39
C GLU A 91 -9.02 -11.76 4.38
N ARG A 92 -9.81 -12.27 5.32
CA ARG A 92 -11.20 -11.87 5.38
C ARG A 92 -11.35 -10.38 5.75
N PHE A 93 -10.36 -9.80 6.45
CA PHE A 93 -10.37 -8.37 6.78
C PHE A 93 -10.29 -7.48 5.54
N ILE A 94 -9.29 -7.66 4.71
CA ILE A 94 -9.21 -6.82 3.56
C ILE A 94 -10.37 -7.10 2.58
N GLN A 95 -10.80 -8.36 2.48
CA GLN A 95 -12.02 -8.72 1.67
C GLN A 95 -13.24 -7.95 2.10
N TYR A 96 -13.54 -7.84 3.40
CA TYR A 96 -14.60 -6.95 3.79
C TYR A 96 -14.38 -5.49 3.38
N LEU A 97 -13.19 -4.91 3.60
CA LEU A 97 -12.95 -3.51 3.29
C LEU A 97 -13.15 -3.28 1.76
N ALA A 98 -12.68 -4.20 0.97
CA ALA A 98 -12.86 -4.07 -0.45
C ALA A 98 -14.34 -4.19 -0.84
N SER A 99 -15.17 -4.78 0.01
CA SER A 99 -16.56 -5.00 -0.42
C SER A 99 -17.50 -3.86 -0.12
N ARG A 100 -17.00 -2.88 0.62
CA ARG A 100 -17.78 -1.70 0.95
C ARG A 100 -17.66 -0.77 -0.20
N ASN A 101 -18.62 0.13 -0.28
CA ASN A 101 -18.59 1.16 -1.36
C ASN A 101 -17.84 2.42 -1.01
N THR A 102 -17.98 2.86 0.23
CA THR A 102 -17.23 4.01 0.70
C THR A 102 -16.32 3.48 1.85
N LEU A 103 -15.17 4.13 1.93
CA LEU A 103 -14.04 3.80 2.79
C LEU A 103 -13.64 5.02 3.67
N PHE A 104 -12.42 5.52 3.56
CA PHE A 104 -12.03 6.69 4.36
C PHE A 104 -12.39 8.00 3.64
N ASN A 105 -12.98 8.93 4.36
CA ASN A 105 -13.24 10.20 3.72
C ASN A 105 -12.53 11.29 4.50
N LEU A 106 -11.25 11.40 4.31
CA LEU A 106 -10.49 12.33 5.09
C LEU A 106 -9.79 13.33 4.20
N SER A 107 -10.31 13.55 3.00
CA SER A 107 -9.68 14.46 2.02
C SER A 107 -9.58 15.92 2.48
N ASN A 108 -10.39 16.31 3.44
CA ASN A 108 -10.38 17.65 3.94
C ASN A 108 -9.96 17.72 5.43
N PHE A 109 -9.37 16.64 5.96
CA PHE A 109 -8.97 16.66 7.37
C PHE A 109 -7.98 17.79 7.69
N LEU A 110 -8.20 18.44 8.81
CA LEU A 110 -7.29 19.49 9.34
C LEU A 110 -7.44 19.65 10.81
N ASP A 111 -6.41 19.34 11.59
CA ASP A 111 -6.43 19.52 13.05
C ASP A 111 -5.60 20.80 13.19
N LYS A 112 -6.22 21.86 13.70
CA LYS A 112 -5.55 23.18 13.78
C LYS A 112 -5.18 23.52 15.18
N SER A 113 -5.28 22.56 16.08
CA SER A 113 -4.98 22.80 17.48
C SER A 113 -3.53 23.10 17.87
N GLY A 114 -2.59 22.87 16.97
CA GLY A 114 -1.22 23.13 17.30
C GLY A 114 -0.49 22.93 15.99
N LEU A 115 0.78 23.31 15.95
CA LEU A 115 1.61 23.22 14.76
C LEU A 115 1.79 21.68 14.36
N GLN A 116 2.09 20.77 15.30
CA GLN A 116 2.18 19.36 14.92
C GLN A 116 0.91 18.93 14.14
N GLY A 117 -0.26 19.35 14.63
CA GLY A 117 -1.53 19.13 13.96
C GLY A 117 -1.64 19.54 12.52
N TYR A 118 -1.24 20.78 12.24
CA TYR A 118 -1.24 21.28 10.89
C TYR A 118 -0.35 20.48 10.01
N ASP A 119 0.84 20.20 10.49
CA ASP A 119 1.88 19.55 9.69
C ASP A 119 1.46 18.06 9.43
N MET A 120 0.87 17.41 10.41
CA MET A 120 0.50 15.99 10.26
C MET A 120 -0.77 15.78 9.41
N SER A 121 -1.66 16.80 9.41
CA SER A 121 -2.91 16.71 8.65
C SER A 121 -2.64 16.35 7.18
N THR A 122 -1.61 16.91 6.63
CA THR A 122 -1.36 16.60 5.21
C THR A 122 -1.04 15.12 4.97
N PHE A 123 -0.25 14.54 5.88
CA PHE A 123 0.12 13.11 5.79
C PHE A 123 -1.07 12.18 6.00
N ILE A 124 -2.00 12.57 6.86
CA ILE A 124 -3.25 11.86 7.06
C ILE A 124 -4.08 11.78 5.77
N ARG A 125 -4.16 12.89 5.05
CA ARG A 125 -4.88 12.90 3.80
C ARG A 125 -4.30 11.93 2.85
N ARG A 126 -2.98 11.97 2.73
CA ARG A 126 -2.29 11.18 1.73
C ARG A 126 -2.27 9.67 2.05
N TYR A 127 -2.09 9.36 3.32
CA TYR A 127 -2.06 8.00 3.77
C TYR A 127 -3.44 7.32 3.60
N SER A 128 -4.50 8.04 3.99
CA SER A 128 -5.85 7.52 3.83
C SER A 128 -6.21 7.24 2.35
N ARG A 129 -5.77 8.09 1.43
CA ARG A 129 -5.94 7.80 -0.01
C ARG A 129 -5.20 6.51 -0.42
N TYR A 130 -3.99 6.31 0.06
CA TYR A 130 -3.30 5.08 -0.24
C TYR A 130 -4.09 3.86 0.31
N LEU A 131 -4.54 3.91 1.54
CA LEU A 131 -5.32 2.79 2.07
C LEU A 131 -6.63 2.50 1.24
N ASN A 132 -7.32 3.54 0.80
CA ASN A 132 -8.46 3.35 -0.08
C ASN A 132 -8.10 2.63 -1.39
N GLU A 133 -6.97 3.00 -1.96
CA GLU A 133 -6.55 2.48 -3.22
C GLU A 133 -6.10 1.04 -3.07
N LYS A 134 -5.49 0.73 -1.93
CA LYS A 134 -5.18 -0.63 -1.59
C LYS A 134 -6.47 -1.52 -1.52
N ALA A 135 -7.55 -1.06 -0.93
CA ALA A 135 -8.78 -1.88 -0.92
C ALA A 135 -9.38 -2.02 -2.38
N VAL A 136 -9.41 -0.94 -3.14
CA VAL A 136 -9.92 -0.94 -4.51
C VAL A 136 -9.19 -1.89 -5.43
N SER A 137 -7.88 -1.95 -5.27
CA SER A 137 -7.11 -2.89 -6.02
C SER A 137 -7.47 -4.37 -5.68
N TYR A 138 -7.64 -4.68 -4.40
CA TYR A 138 -8.13 -6.02 -4.02
C TYR A 138 -9.50 -6.26 -4.64
N ARG A 139 -10.37 -5.28 -4.64
CA ARG A 139 -11.68 -5.48 -5.21
C ARG A 139 -11.63 -5.82 -6.70
N GLN A 140 -10.81 -5.10 -7.45
CA GLN A 140 -10.64 -5.35 -8.89
C GLN A 140 -10.01 -6.67 -9.35
N VAL A 141 -9.00 -7.19 -8.68
CA VAL A 141 -8.31 -8.38 -9.16
C VAL A 141 -8.45 -9.58 -8.31
N ALA A 142 -9.15 -9.42 -7.19
CA ALA A 142 -9.40 -10.49 -6.22
C ALA A 142 -8.20 -11.19 -5.52
N PHE A 143 -7.09 -10.49 -5.44
CA PHE A 143 -5.93 -10.98 -4.67
C PHE A 143 -5.10 -9.76 -4.21
N ASP A 144 -4.16 -10.00 -3.31
CA ASP A 144 -3.33 -8.92 -2.77
C ASP A 144 -1.99 -9.01 -3.48
N PHE A 145 -1.61 -7.99 -4.28
CA PHE A 145 -0.32 -7.93 -4.94
C PHE A 145 0.88 -8.15 -4.02
N THR A 146 0.75 -7.79 -2.74
CA THR A 146 1.89 -7.89 -1.81
C THR A 146 2.15 -9.27 -1.20
N LYS A 147 1.19 -10.17 -1.33
CA LYS A 147 1.29 -11.44 -0.63
C LYS A 147 1.40 -12.72 -1.54
N VAL A 148 1.16 -12.58 -2.82
CA VAL A 148 1.20 -13.73 -3.71
C VAL A 148 2.61 -14.23 -4.07
N LYS A 149 2.64 -15.49 -4.49
CA LYS A 149 3.87 -16.24 -4.79
C LYS A 149 4.73 -15.55 -5.82
N ARG A 150 5.98 -15.32 -5.49
CA ARG A 150 6.85 -14.67 -6.44
C ARG A 150 7.68 -15.75 -7.12
N GLY A 151 8.68 -15.31 -7.87
CA GLY A 151 9.59 -16.22 -8.52
C GLY A 151 9.31 -16.45 -9.99
N ALA A 152 9.13 -17.73 -10.33
CA ALA A 152 8.85 -18.24 -11.70
C ALA A 152 7.64 -19.17 -11.64
N ASP A 153 7.31 -19.61 -10.44
CA ASP A 153 6.16 -20.45 -10.23
C ASP A 153 4.98 -19.62 -9.68
N GLY A 154 5.10 -18.30 -9.76
CA GLY A 154 4.10 -17.38 -9.23
C GLY A 154 3.14 -16.78 -10.24
N VAL A 155 2.08 -16.22 -9.69
CA VAL A 155 0.98 -15.61 -10.41
C VAL A 155 1.49 -14.49 -11.29
N MET A 156 2.22 -13.59 -10.70
CA MET A 156 2.72 -12.50 -11.49
C MET A 156 3.70 -13.03 -12.52
N ARG A 157 4.33 -14.18 -12.35
CA ARG A 157 5.24 -14.60 -13.43
C ARG A 157 4.50 -15.43 -14.49
N THR A 158 3.55 -16.23 -14.02
CA THR A 158 2.79 -17.09 -14.91
C THR A 158 1.33 -16.69 -15.08
N MET A 159 1.07 -15.57 -15.73
CA MET A 159 -0.32 -15.18 -15.96
C MET A 159 -0.47 -14.83 -17.47
N ASN A 160 -1.58 -15.29 -18.05
CA ASN A 160 -1.94 -15.11 -19.46
C ASN A 160 -1.77 -13.69 -19.95
N THR A 161 -1.65 -13.49 -21.25
CA THR A 161 -1.42 -12.14 -21.79
C THR A 161 -2.60 -11.19 -21.67
N GLU A 162 -3.84 -11.67 -21.65
CA GLU A 162 -4.98 -10.72 -21.54
C GLU A 162 -5.09 -10.14 -20.12
N LYS A 163 -5.06 -11.03 -19.11
CA LYS A 163 -5.16 -10.64 -17.71
C LYS A 163 -4.00 -9.67 -17.41
N LEU A 164 -2.78 -10.05 -17.82
CA LEU A 164 -1.58 -9.23 -17.62
C LEU A 164 -1.78 -7.80 -18.03
N LEU A 165 -2.33 -7.64 -19.21
CA LEU A 165 -2.49 -6.31 -19.77
C LEU A 165 -3.46 -5.55 -18.92
N LYS A 166 -4.33 -6.27 -18.23
CA LYS A 166 -5.37 -5.64 -17.45
C LYS A 166 -4.86 -5.26 -16.05
N THR A 167 -4.04 -6.13 -15.51
CA THR A 167 -3.52 -6.02 -14.17
C THR A 167 -2.42 -4.98 -13.93
N VAL A 168 -1.34 -5.06 -14.70
CA VAL A 168 -0.15 -4.21 -14.47
C VAL A 168 -0.58 -2.76 -14.24
N PRO A 169 -1.51 -2.23 -14.98
CA PRO A 169 -1.96 -0.85 -14.74
C PRO A 169 -2.64 -0.62 -13.35
N ILE A 170 -3.15 -1.68 -12.73
CA ILE A 170 -3.73 -1.57 -11.38
C ILE A 170 -2.58 -1.43 -10.37
N ILE A 171 -1.52 -2.22 -10.52
CA ILE A 171 -0.33 -2.08 -9.69
C ILE A 171 0.21 -0.66 -9.79
N GLN A 172 0.26 -0.14 -11.00
CA GLN A 172 0.87 1.15 -11.24
C GLN A 172 0.10 2.16 -10.49
N ASN A 173 -1.19 1.95 -10.42
CA ASN A 173 -2.04 2.89 -9.76
C ASN A 173 -1.86 2.86 -8.24
N GLN A 174 -1.71 1.68 -7.69
CA GLN A 174 -1.56 1.52 -6.26
C GLN A 174 -0.17 2.13 -5.87
N MET A 175 0.82 1.93 -6.70
CA MET A 175 2.17 2.46 -6.50
C MET A 175 2.17 3.95 -6.46
N ASP A 176 1.42 4.59 -7.36
CA ASP A 176 1.42 6.07 -7.45
C ASP A 176 0.82 6.63 -6.16
N ALA A 177 -0.24 6.03 -5.67
CA ALA A 177 -0.84 6.52 -4.44
C ALA A 177 0.10 6.35 -3.29
N LEU A 178 0.90 5.28 -3.29
CA LEU A 178 1.89 5.03 -2.21
C LEU A 178 2.97 6.18 -2.26
N LEU A 179 3.55 6.35 -3.45
CA LEU A 179 4.60 7.35 -3.68
C LEU A 179 4.15 8.79 -3.37
N ASP A 180 2.86 9.11 -3.52
CA ASP A 180 2.33 10.46 -3.18
C ASP A 180 2.36 10.85 -1.70
N PHE A 181 2.65 9.81 -0.87
CA PHE A 181 2.89 10.07 0.54
C PHE A 181 3.92 11.21 0.59
N ASN A 182 4.92 11.11 -0.24
CA ASN A 182 5.92 12.18 -0.45
C ASN A 182 6.56 12.83 0.74
N VAL A 183 7.15 12.03 1.61
CA VAL A 183 7.75 12.51 2.78
C VAL A 183 9.25 12.69 2.61
N ASN A 184 9.85 13.59 3.35
CA ASN A 184 11.34 13.81 3.34
C ASN A 184 11.86 13.30 4.62
N SER A 185 13.15 12.95 4.74
CA SER A 185 13.69 12.54 6.06
C SER A 185 13.52 13.51 7.18
N ASN A 186 13.59 14.81 6.90
CA ASN A 186 13.49 15.78 7.97
C ASN A 186 12.10 15.97 8.52
N GLU A 187 11.08 15.39 7.87
CA GLU A 187 9.71 15.39 8.41
C GLU A 187 9.34 14.12 9.25
N LEU A 188 10.20 13.13 9.28
CA LEU A 188 9.92 11.93 10.13
C LEU A 188 10.37 12.21 11.55
N THR A 189 9.57 12.95 12.25
CA THR A 189 9.99 13.48 13.57
C THR A 189 9.23 13.03 14.76
N ASN A 190 8.29 12.08 14.63
CA ASN A 190 7.62 11.57 15.75
C ASN A 190 7.26 10.09 15.51
N GLY A 191 6.92 9.42 16.58
CA GLY A 191 6.65 7.99 16.53
C GLY A 191 5.47 7.51 15.73
N VAL A 192 4.50 8.38 15.54
CA VAL A 192 3.29 8.10 14.83
C VAL A 192 3.55 8.06 13.36
N ILE A 193 4.11 9.14 12.78
CA ILE A 193 4.42 9.15 11.36
C ILE A 193 5.54 8.13 11.01
N ASN A 194 6.47 7.90 11.93
CA ASN A 194 7.49 6.89 11.70
C ASN A 194 6.89 5.50 11.56
N ALA A 195 5.91 5.14 12.41
CA ALA A 195 5.21 3.83 12.30
C ALA A 195 4.49 3.63 10.97
N ALA A 196 3.83 4.69 10.46
CA ALA A 196 3.21 4.74 9.14
C ALA A 196 4.25 4.47 8.07
N PHE A 197 5.38 5.16 8.14
CA PHE A 197 6.44 5.04 7.15
C PHE A 197 7.00 3.60 7.07
N MET A 198 7.23 2.94 8.22
CA MET A 198 7.72 1.55 8.24
C MET A 198 6.80 0.55 7.51
N LEU A 199 5.49 0.70 7.62
CA LEU A 199 4.55 -0.10 6.93
C LEU A 199 4.45 0.22 5.45
N LEU A 200 4.50 1.49 5.11
CA LEU A 200 4.60 1.91 3.74
C LEU A 200 5.86 1.35 3.03
N PHE A 201 7.01 1.39 3.69
CA PHE A 201 8.25 0.78 3.19
C PHE A 201 8.06 -0.69 2.83
N LYS A 202 7.45 -1.47 3.74
CA LYS A 202 7.18 -2.88 3.51
C LYS A 202 6.27 -3.13 2.31
N ASP A 203 5.21 -2.36 2.17
CA ASP A 203 4.34 -2.47 1.03
C ASP A 203 5.09 -2.06 -0.28
N ALA A 204 5.90 -0.99 -0.25
CA ALA A 204 6.62 -0.49 -1.43
C ALA A 204 7.55 -1.58 -2.03
N ILE A 205 8.32 -2.28 -1.21
CA ILE A 205 9.19 -3.31 -1.70
C ILE A 205 8.50 -4.58 -2.28
N ARG A 206 7.40 -5.01 -1.67
CA ARG A 206 6.63 -6.11 -2.19
C ARG A 206 5.87 -5.76 -3.45
N LEU A 207 5.35 -4.53 -3.52
CA LEU A 207 4.63 -4.03 -4.64
C LEU A 207 5.57 -3.86 -5.83
N PHE A 208 6.76 -3.34 -5.61
CA PHE A 208 7.77 -3.28 -6.65
C PHE A 208 8.15 -4.69 -7.17
N ALA A 209 8.27 -5.65 -6.28
CA ALA A 209 8.66 -6.97 -6.70
C ALA A 209 7.62 -7.43 -7.72
N ALA A 210 6.34 -7.28 -7.37
CA ALA A 210 5.25 -7.72 -8.23
C ALA A 210 5.15 -6.92 -9.53
N TYR A 211 5.39 -5.62 -9.50
CA TYR A 211 5.38 -4.84 -10.69
C TYR A 211 6.50 -5.40 -11.65
N ASN A 212 7.66 -5.70 -11.06
CA ASN A 212 8.84 -6.11 -11.81
C ASN A 212 8.60 -7.42 -12.47
N GLU A 213 8.01 -8.35 -11.73
CA GLU A 213 7.67 -9.63 -12.25
C GLU A 213 6.72 -9.51 -13.45
N GLY A 214 5.76 -8.60 -13.38
CA GLY A 214 4.82 -8.44 -14.46
C GLY A 214 5.51 -7.87 -15.68
N ILE A 215 6.46 -7.01 -15.47
CA ILE A 215 7.17 -6.44 -16.60
C ILE A 215 8.03 -7.54 -17.26
N ILE A 216 8.56 -8.45 -16.45
CA ILE A 216 9.40 -9.53 -16.99
C ILE A 216 8.54 -10.42 -17.89
N ASN A 217 7.40 -10.86 -17.40
CA ASN A 217 6.46 -11.62 -18.20
C ASN A 217 6.13 -10.87 -19.48
N LEU A 218 5.84 -9.60 -19.33
CA LEU A 218 5.51 -8.79 -20.47
C LEU A 218 6.56 -9.00 -21.56
N LEU A 219 7.73 -8.37 -21.39
CA LEU A 219 8.89 -8.61 -22.26
C LEU A 219 9.00 -10.03 -22.85
N GLU A 220 8.79 -11.04 -22.01
CA GLU A 220 8.82 -12.42 -22.45
C GLU A 220 7.88 -12.60 -23.67
N LYS A 221 6.65 -12.10 -23.53
CA LYS A 221 5.55 -12.26 -24.48
C LYS A 221 5.40 -11.14 -25.56
N TYR A 222 6.06 -10.00 -25.34
CA TYR A 222 5.87 -8.85 -26.20
C TYR A 222 5.99 -9.03 -27.72
N PHE A 223 7.05 -9.71 -28.16
CA PHE A 223 7.32 -9.89 -29.59
C PHE A 223 6.28 -10.81 -30.29
N ASP A 224 5.77 -11.80 -29.53
CA ASP A 224 4.80 -12.83 -29.94
C ASP A 224 3.30 -12.37 -29.86
N MET A 225 3.04 -11.06 -29.80
CA MET A 225 1.66 -10.60 -29.55
C MET A 225 1.01 -9.62 -30.57
N LYS A 226 -0.33 -9.59 -30.56
CA LYS A 226 -1.15 -8.76 -31.44
C LYS A 226 -0.62 -7.33 -31.51
N LYS A 227 -0.89 -6.67 -32.61
CA LYS A 227 -0.40 -5.30 -32.82
C LYS A 227 -0.89 -4.28 -31.79
N ASN A 228 -2.20 -4.22 -31.53
CA ASN A 228 -2.71 -3.21 -30.59
C ASN A 228 -2.34 -3.59 -29.14
N GLN A 229 -2.29 -4.89 -28.86
CA GLN A 229 -1.75 -5.37 -27.61
C GLN A 229 -0.37 -4.71 -27.44
N CYS A 230 0.56 -5.05 -28.33
CA CYS A 230 1.89 -4.45 -28.36
C CYS A 230 1.87 -2.99 -28.05
N LYS A 231 0.83 -2.31 -28.51
CA LYS A 231 0.73 -0.87 -28.30
C LYS A 231 0.45 -0.53 -26.85
N GLU A 232 -0.30 -1.42 -26.21
CA GLU A 232 -0.70 -1.25 -24.83
C GLU A 232 0.57 -1.54 -23.97
N GLY A 233 1.16 -2.73 -24.15
CA GLY A 233 2.42 -3.09 -23.53
C GLY A 233 3.43 -1.95 -23.61
N LEU A 234 3.55 -1.33 -24.78
CA LEU A 234 4.52 -0.29 -24.93
C LEU A 234 4.25 0.82 -23.93
N ASP A 235 2.99 1.17 -23.74
CA ASP A 235 2.64 2.23 -22.81
C ASP A 235 2.91 1.90 -21.34
N ILE A 236 2.79 0.63 -21.00
CA ILE A 236 3.04 0.14 -19.67
C ILE A 236 4.53 0.20 -19.36
N TYR A 237 5.36 -0.39 -20.23
CA TYR A 237 6.81 -0.33 -20.09
C TYR A 237 7.20 1.12 -20.00
N LYS A 238 6.50 1.94 -20.74
CA LYS A 238 6.88 3.33 -20.69
C LYS A 238 6.68 3.88 -19.27
N LYS A 239 5.49 3.71 -18.71
CA LYS A 239 5.19 4.32 -17.43
C LYS A 239 6.00 3.64 -16.28
N PHE A 240 6.30 2.35 -16.40
CA PHE A 240 7.19 1.67 -15.47
C PHE A 240 8.55 2.39 -15.36
N LEU A 241 9.19 2.70 -16.48
CA LEU A 241 10.49 3.38 -16.41
C LEU A 241 10.44 4.71 -15.65
N THR A 242 9.34 5.42 -15.77
CA THR A 242 9.16 6.71 -15.09
C THR A 242 8.89 6.45 -13.57
N ARG A 243 8.25 5.35 -13.25
CA ARG A 243 7.98 5.02 -11.85
C ARG A 243 9.24 4.47 -11.13
N MET A 244 10.12 3.89 -11.93
CA MET A 244 11.43 3.37 -11.49
C MET A 244 12.24 4.50 -10.88
N THR A 245 12.16 5.70 -11.40
CA THR A 245 12.96 6.73 -10.79
C THR A 245 12.32 7.30 -9.55
N ARG A 246 11.00 7.28 -9.49
CA ARG A 246 10.34 7.72 -8.30
C ARG A 246 10.61 6.74 -7.15
N ILE A 247 10.61 5.46 -7.42
CA ILE A 247 10.85 4.50 -6.38
C ILE A 247 12.29 4.65 -5.78
N SER A 248 13.25 4.96 -6.65
CA SER A 248 14.62 5.24 -6.30
C SER A 248 14.65 6.34 -5.29
N GLU A 249 13.91 7.43 -5.55
CA GLU A 249 13.89 8.56 -4.60
C GLU A 249 13.31 8.19 -3.22
N PHE A 250 12.27 7.37 -3.24
CA PHE A 250 11.66 6.84 -2.06
C PHE A 250 12.64 5.99 -1.23
N LEU A 251 13.38 5.08 -1.86
CA LEU A 251 14.36 4.25 -1.15
C LEU A 251 15.55 4.98 -0.62
N LYS A 252 15.81 6.14 -1.19
CA LYS A 252 16.88 7.00 -0.71
C LYS A 252 16.44 7.68 0.61
N VAL A 253 15.14 7.98 0.77
CA VAL A 253 14.65 8.57 2.03
C VAL A 253 14.82 7.44 3.08
N ALA A 254 14.59 6.20 2.68
CA ALA A 254 14.78 5.15 3.64
C ALA A 254 16.21 4.95 4.04
N GLU A 255 17.12 5.14 3.10
CA GLU A 255 18.53 5.04 3.39
C GLU A 255 18.98 6.17 4.36
N GLN A 256 18.52 7.40 4.08
CA GLN A 256 18.80 8.54 4.92
C GLN A 256 18.34 8.36 6.35
N VAL A 257 17.17 7.82 6.54
CA VAL A 257 16.59 7.57 7.86
C VAL A 257 17.33 6.52 8.65
N GLY A 258 18.03 5.57 8.02
CA GLY A 258 18.79 4.58 8.72
C GLY A 258 18.40 3.13 8.57
N ILE A 259 17.43 2.84 7.72
CA ILE A 259 16.98 1.45 7.46
C ILE A 259 18.17 0.55 7.08
N ASP A 260 18.17 -0.65 7.60
CA ASP A 260 19.20 -1.65 7.38
C ASP A 260 19.35 -1.77 5.84
N ARG A 261 20.59 -1.59 5.31
CA ARG A 261 20.80 -1.61 3.87
C ARG A 261 20.56 -3.01 3.25
N GLY A 262 20.63 -4.07 4.08
CA GLY A 262 20.24 -5.40 3.65
C GLY A 262 18.75 -5.58 3.30
N ASP A 263 17.88 -4.72 3.83
CA ASP A 263 16.43 -4.79 3.58
C ASP A 263 16.01 -4.02 2.33
N ILE A 264 16.88 -3.19 1.79
CA ILE A 264 16.57 -2.33 0.66
C ILE A 264 16.89 -3.11 -0.59
N PRO A 265 15.95 -3.19 -1.54
CA PRO A 265 16.15 -4.06 -2.72
C PRO A 265 17.06 -3.39 -3.75
N ASP A 266 17.74 -4.22 -4.50
CA ASP A 266 18.65 -3.73 -5.52
C ASP A 266 17.86 -3.49 -6.77
N LEU A 267 17.81 -2.24 -7.19
CA LEU A 267 17.16 -1.90 -8.43
C LEU A 267 18.26 -1.97 -9.54
N SER A 268 18.68 -3.13 -9.98
CA SER A 268 19.61 -3.12 -11.12
C SER A 268 19.00 -4.23 -11.97
N GLN A 269 17.76 -4.00 -12.36
CA GLN A 269 16.92 -4.98 -13.06
C GLN A 269 15.85 -4.35 -14.02
N ALA A 270 16.02 -4.67 -15.31
CA ALA A 270 15.08 -4.55 -16.48
C ALA A 270 14.73 -3.26 -17.33
N PRO A 271 15.57 -2.23 -17.38
CA PRO A 271 15.29 -0.99 -18.12
C PRO A 271 16.14 -0.64 -19.34
N SER A 272 16.93 -1.58 -19.81
CA SER A 272 17.79 -1.36 -20.96
C SER A 272 16.98 -1.22 -22.27
N SER A 273 16.10 -2.21 -22.48
CA SER A 273 15.28 -2.50 -23.70
C SER A 273 14.24 -1.55 -24.36
N LEU A 274 14.27 -0.25 -24.14
CA LEU A 274 13.22 0.57 -24.76
C LEU A 274 13.11 0.44 -26.28
N LEU A 275 14.03 -0.26 -26.93
CA LEU A 275 13.99 -0.33 -28.40
C LEU A 275 13.26 -1.56 -28.94
N ASP A 276 12.00 -1.61 -28.53
CA ASP A 276 10.94 -2.43 -29.07
C ASP A 276 9.84 -1.39 -29.36
N ALA A 277 10.18 -0.11 -29.14
CA ALA A 277 9.33 1.02 -29.48
C ALA A 277 9.31 1.06 -31.00
N LEU A 278 10.08 0.16 -31.61
CA LEU A 278 10.13 0.04 -33.05
C LEU A 278 9.62 -1.31 -33.51
N GLU A 279 9.39 -2.24 -32.60
CA GLU A 279 8.89 -3.52 -33.07
C GLU A 279 7.49 -3.36 -33.61
N GLN A 280 7.05 -2.11 -33.62
CA GLN A 280 5.82 -1.69 -34.27
C GLN A 280 6.18 -1.05 -35.62
N HIS A 281 6.82 -1.84 -36.49
CA HIS A 281 7.02 -1.47 -37.86
C HIS A 281 5.83 -2.01 -38.65
C1 IP2 B . 0.26 0.54 33.05
C1 IP2 B . -0.52 1.28 32.38
C2 IP2 B . -1.18 0.77 32.62
C2 IP2 B . 0.98 1.05 32.24
C3 IP2 B . -1.17 1.34 31.20
C3 IP2 B . 1.19 -0.39 31.83
C4 IP2 B . -0.86 0.07 30.42
C4 IP2 B . 0.69 -0.36 30.40
C5 IP2 B . 0.57 -0.40 30.68
C5 IP2 B . -0.82 -0.08 30.26
C6 IP2 B . 0.92 -0.52 32.17
C6 IP2 B . -1.21 1.21 31.00
O1 IP2 B . 0.95 1.77 32.92
O1 IP2 B . -1.07 0.32 33.26
O2 IP2 B . -1.89 1.59 33.53
O2 IP2 B . 1.71 1.37 33.40
O3 IP2 B . -2.40 1.93 30.81
O3 IP2 B . 2.56 -0.74 31.88
O4 IP2 B . -1.12 0.28 29.05
O4 IP2 B . 1.03 -1.57 29.79
O5 IP2 B . 0.70 -1.65 30.03
O5 IP2 B . -1.16 0.04 28.89
O6 IP2 B . 2.31 -0.38 32.32
O6 IP2 B . -2.61 1.28 31.12
P4 IP2 B . -2.45 -0.31 28.34
P4 IP2 B . 2.37 -1.67 28.93
O41 IP2 B . -2.32 0.24 26.98
O41 IP2 B . 2.29 -0.39 28.17
O42 IP2 B . -3.61 0.22 29.07
O42 IP2 B . 2.16 -2.94 28.19
O43 IP2 B . -2.32 -1.79 28.46
O43 IP2 B . 3.52 -1.74 29.85
P5 IP2 B . 2.04 -2.15 29.29
P5 IP2 B . -2.51 -0.48 28.17
O51 IP2 B . 2.30 -1.06 28.33
O51 IP2 B . -2.21 -0.28 26.74
O52 IP2 B . 1.65 -3.46 28.71
O52 IP2 B . -3.59 0.41 28.63
O53 IP2 B . 3.10 -2.27 30.33
O53 IP2 B . -2.71 -1.90 28.53
#